data_4JN8
#
_entry.id   4JN8
#
_cell.length_a   124.044
_cell.length_b   124.044
_cell.length_c   114.640
_cell.angle_alpha   90.00
_cell.angle_beta   90.00
_cell.angle_gamma   90.00
#
_symmetry.space_group_name_H-M   'I 4 2 2'
#
loop_
_entity.id
_entity.type
_entity.pdbx_description
1 polymer ENOLASE
2 non-polymer 'SULFATE ION'
3 non-polymer 1,2-ETHANEDIOL
4 non-polymer 'CHLORIDE ION'
5 water water
#
_entity_poly.entity_id   1
_entity_poly.type   'polypeptide(L)'
_entity_poly.pdbx_seq_one_letter_code
;MKIDRMRVFMTRDKDRPRVIVALDTDDGLTGWGECYNHGPDKALPPILDYLYGFLSGQDPTRIDYLVNLLIQQSRFPPGA
LGLSAISALDHCLWDLSAKAANVPVYKLLGGAVRDRVKVYAGVYTAPDAPAARDEFDRLNAEWGFTAFKLSPWRVDIHAH
RWGNVVKASADYFRSLRETVRDDYEIAFDAHAQIFEPVAARQLGNALAPYDPLFYEEPLRPENIDMWGDLKQGLNCVLAT
GESLYNRNEFLRLLQVKGADLIQPDICVVGGISEMRRIATLAEAYFVGVAPHNPMGPLATAVNVHFSAATQNFRILEYRL
PKGQAYVYGGKDIEKRQGETRYVVDPYLPKDGYLELRPDRPGWGVEMDEKAMEEEGYIHWQRRVPKRPDGSYAFA
;
_entity_poly.pdbx_strand_id   A
#
# COMPACT_ATOMS: atom_id res chain seq x y z
N MET A 1 -4.86 28.24 -15.05
CA MET A 1 -4.14 27.39 -16.04
C MET A 1 -5.03 26.24 -16.48
N LYS A 2 -4.66 25.62 -17.60
CA LYS A 2 -5.40 24.50 -18.16
C LYS A 2 -4.48 23.33 -18.43
N ILE A 3 -4.97 22.13 -18.18
CA ILE A 3 -4.29 20.91 -18.55
C ILE A 3 -4.14 20.87 -20.08
N ASP A 4 -2.94 20.64 -20.58
CA ASP A 4 -2.73 20.60 -22.03
C ASP A 4 -1.91 19.43 -22.56
N ARG A 5 -1.46 18.53 -21.69
CA ARG A 5 -0.81 17.32 -22.17
C ARG A 5 -0.80 16.26 -21.08
N MET A 6 -0.83 15.01 -21.49
CA MET A 6 -0.55 13.90 -20.61
C MET A 6 0.59 13.10 -21.20
N ARG A 7 1.52 12.68 -20.35
CA ARG A 7 2.63 11.83 -20.76
C ARG A 7 2.61 10.59 -19.87
N VAL A 8 2.66 9.43 -20.50
CA VAL A 8 2.54 8.16 -19.79
C VAL A 8 3.84 7.38 -19.98
N PHE A 9 4.45 6.97 -18.87
CA PHE A 9 5.73 6.26 -18.87
C PHE A 9 5.51 4.83 -18.39
N MET A 10 5.74 3.86 -19.27
N MET A 10 5.89 3.89 -19.24
CA MET A 10 5.74 2.46 -18.89
CA MET A 10 5.81 2.46 -18.94
C MET A 10 7.15 2.15 -18.44
C MET A 10 7.15 2.00 -18.46
N THR A 11 7.30 1.95 -17.14
CA THR A 11 8.59 1.66 -16.56
C THR A 11 8.47 0.49 -15.60
N ARG A 12 9.34 0.42 -14.61
CA ARG A 12 9.33 -0.68 -13.67
C ARG A 12 9.85 -0.28 -12.31
N ASP A 13 9.52 -1.09 -11.31
CA ASP A 13 9.93 -0.92 -9.93
C ASP A 13 10.45 -2.29 -9.57
N LYS A 14 11.75 -2.47 -9.78
CA LYS A 14 12.43 -3.75 -9.64
C LYS A 14 11.79 -4.77 -10.57
N ASP A 15 11.15 -5.81 -10.07
CA ASP A 15 10.59 -6.86 -10.93
C ASP A 15 9.09 -6.75 -11.19
N ARG A 16 8.49 -5.62 -10.84
CA ARG A 16 7.10 -5.35 -11.18
C ARG A 16 7.06 -4.17 -12.12
N PRO A 17 6.19 -4.21 -13.14
CA PRO A 17 6.06 -3.03 -13.99
C PRO A 17 5.38 -1.88 -13.25
N ARG A 18 5.56 -0.68 -13.77
CA ARG A 18 4.97 0.49 -13.14
C ARG A 18 4.69 1.55 -14.17
N VAL A 19 3.46 2.05 -14.16
CA VAL A 19 3.04 3.12 -15.03
C VAL A 19 3.02 4.42 -14.23
N ILE A 20 3.78 5.40 -14.72
CA ILE A 20 3.94 6.70 -14.11
C ILE A 20 3.35 7.73 -15.06
N VAL A 21 2.60 8.68 -14.53
CA VAL A 21 1.82 9.60 -15.35
C VAL A 21 2.17 11.05 -15.03
N ALA A 22 2.33 11.86 -16.08
CA ALA A 22 2.50 13.30 -15.93
C ALA A 22 1.34 14.02 -16.58
N LEU A 23 0.81 15.04 -15.90
CA LEU A 23 -0.10 15.97 -16.53
C LEU A 23 0.58 17.32 -16.57
N ASP A 24 0.60 17.92 -17.76
CA ASP A 24 1.23 19.21 -17.98
C ASP A 24 0.16 20.29 -18.18
N THR A 25 0.50 21.52 -17.81
CA THR A 25 -0.39 22.65 -18.02
C THR A 25 0.22 23.70 -18.95
N ASP A 26 -0.65 24.58 -19.44
CA ASP A 26 -0.22 25.67 -20.33
C ASP A 26 0.52 26.80 -19.59
N ASP A 27 0.68 26.69 -18.28
CA ASP A 27 1.58 27.59 -17.53
C ASP A 27 2.96 26.94 -17.29
N GLY A 28 3.19 25.75 -17.85
CA GLY A 28 4.48 25.10 -17.75
C GLY A 28 4.73 24.26 -16.51
N LEU A 29 3.68 23.91 -15.79
CA LEU A 29 3.80 23.02 -14.64
C LEU A 29 3.53 21.58 -15.04
N THR A 30 4.01 20.66 -14.20
CA THR A 30 3.77 19.23 -14.38
C THR A 30 3.44 18.61 -13.04
N GLY A 31 2.39 17.78 -13.00
CA GLY A 31 2.08 16.98 -11.83
C GLY A 31 2.24 15.51 -12.14
N TRP A 32 2.64 14.74 -11.13
CA TRP A 32 3.03 13.35 -11.29
C TRP A 32 2.21 12.39 -10.45
N GLY A 33 1.97 11.18 -10.99
CA GLY A 33 1.20 10.15 -10.31
C GLY A 33 1.68 8.75 -10.62
N GLU A 34 1.34 7.81 -9.75
CA GLU A 34 1.78 6.43 -9.84
C GLU A 34 0.56 5.50 -9.82
N CYS A 35 0.45 4.66 -10.82
CA CYS A 35 -0.60 3.64 -10.87
C CYS A 35 -0.22 2.43 -10.06
N TYR A 36 -1.20 1.80 -9.40
CA TYR A 36 -0.93 0.46 -8.85
C TYR A 36 -0.57 -0.51 -9.97
N ASN A 37 0.21 -1.52 -9.64
CA ASN A 37 0.48 -2.65 -10.56
C ASN A 37 -0.40 -3.83 -10.23
N HIS A 38 -1.59 -3.85 -10.82
CA HIS A 38 -2.49 -4.99 -10.63
C HIS A 38 -2.01 -6.22 -11.38
N GLY A 39 -1.47 -6.04 -12.56
CA GLY A 39 -0.93 -7.15 -13.32
C GLY A 39 -0.70 -6.77 -14.76
N PRO A 40 -1.79 -6.67 -15.53
CA PRO A 40 -1.70 -6.35 -16.96
C PRO A 40 -1.50 -4.86 -17.20
N ASP A 41 -0.32 -4.35 -16.86
CA ASP A 41 -0.08 -2.91 -16.92
C ASP A 41 -0.24 -2.32 -18.31
N LYS A 42 -0.13 -3.14 -19.37
CA LYS A 42 -0.31 -2.61 -20.71
C LYS A 42 -1.75 -2.16 -20.96
N ALA A 43 -2.67 -2.53 -20.08
CA ALA A 43 -4.03 -1.99 -20.14
C ALA A 43 -4.11 -0.55 -19.69
N LEU A 44 -3.14 -0.09 -18.90
CA LEU A 44 -3.28 1.23 -18.31
C LEU A 44 -3.16 2.40 -19.30
N PRO A 45 -2.19 2.37 -20.22
CA PRO A 45 -2.15 3.51 -21.17
C PRO A 45 -3.45 3.75 -21.95
N PRO A 46 -4.10 2.69 -22.48
CA PRO A 46 -5.38 3.01 -23.14
C PRO A 46 -6.48 3.53 -22.21
N ILE A 47 -6.50 3.10 -20.96
CA ILE A 47 -7.47 3.63 -20.01
C ILE A 47 -7.16 5.10 -19.78
N LEU A 48 -5.88 5.39 -19.56
CA LEU A 48 -5.46 6.77 -19.32
C LEU A 48 -5.79 7.67 -20.52
N ASP A 49 -5.58 7.18 -21.73
CA ASP A 49 -5.90 7.96 -22.92
C ASP A 49 -7.37 8.34 -22.93
N TYR A 50 -8.21 7.38 -22.60
CA TYR A 50 -9.65 7.59 -22.58
C TYR A 50 -10.04 8.62 -21.49
N LEU A 51 -9.49 8.44 -20.30
CA LEU A 51 -9.78 9.35 -19.20
C LEU A 51 -9.29 10.75 -19.50
N TYR A 52 -8.15 10.86 -20.18
CA TYR A 52 -7.59 12.18 -20.47
C TYR A 52 -8.56 13.03 -21.28
N GLY A 53 -9.40 12.41 -22.09
CA GLY A 53 -10.40 13.17 -22.84
C GLY A 53 -11.30 14.04 -21.96
N PHE A 54 -11.49 13.63 -20.71
CA PHE A 54 -12.31 14.37 -19.76
C PHE A 54 -11.52 15.44 -19.00
N LEU A 55 -10.19 15.40 -19.11
CA LEU A 55 -9.32 16.33 -18.40
C LEU A 55 -8.74 17.43 -19.29
N SER A 56 -8.56 17.15 -20.57
N SER A 56 -8.60 17.15 -20.58
CA SER A 56 -7.92 18.12 -21.45
CA SER A 56 -8.03 18.12 -21.51
C SER A 56 -8.67 19.45 -21.44
C SER A 56 -8.72 19.47 -21.37
N GLY A 57 -7.93 20.53 -21.25
CA GLY A 57 -8.49 21.88 -21.24
C GLY A 57 -9.08 22.32 -19.92
N GLN A 58 -9.05 21.44 -18.91
CA GLN A 58 -9.67 21.75 -17.64
C GLN A 58 -8.71 22.40 -16.65
N ASP A 59 -9.28 23.02 -15.62
CA ASP A 59 -8.54 23.65 -14.54
C ASP A 59 -8.14 22.58 -13.53
N PRO A 60 -6.85 22.26 -13.43
CA PRO A 60 -6.44 21.15 -12.57
C PRO A 60 -6.65 21.43 -11.09
N THR A 61 -6.91 22.67 -10.69
CA THR A 61 -7.12 22.98 -9.28
C THR A 61 -8.53 22.60 -8.83
N ARG A 62 -9.37 22.16 -9.76
CA ARG A 62 -10.70 21.63 -9.44
C ARG A 62 -10.58 20.13 -9.27
N ILE A 63 -9.84 19.71 -8.24
CA ILE A 63 -9.41 18.32 -8.13
C ILE A 63 -10.59 17.38 -8.01
N ASP A 64 -11.42 17.56 -6.99
CA ASP A 64 -12.53 16.64 -6.78
C ASP A 64 -13.56 16.70 -7.90
N TYR A 65 -13.71 17.87 -8.50
CA TYR A 65 -14.61 18.03 -9.63
C TYR A 65 -14.21 17.10 -10.75
N LEU A 66 -12.93 17.09 -11.06
CA LEU A 66 -12.43 16.29 -12.16
C LEU A 66 -12.34 14.80 -11.82
N VAL A 67 -11.87 14.48 -10.62
CA VAL A 67 -11.78 13.07 -10.24
C VAL A 67 -13.19 12.45 -10.21
N ASN A 68 -14.17 13.19 -9.67
CA ASN A 68 -15.53 12.67 -9.67
C ASN A 68 -16.06 12.52 -11.09
N LEU A 69 -15.71 13.43 -11.99
CA LEU A 69 -16.08 13.26 -13.38
C LEU A 69 -15.54 11.95 -13.94
N LEU A 70 -14.27 11.65 -13.67
CA LEU A 70 -13.69 10.38 -14.12
C LEU A 70 -14.43 9.17 -13.56
N ILE A 71 -14.86 9.25 -12.30
CA ILE A 71 -15.64 8.18 -11.71
C ILE A 71 -17.02 8.07 -12.35
N GLN A 72 -17.69 9.19 -12.53
CA GLN A 72 -19.05 9.14 -13.02
C GLN A 72 -19.15 8.74 -14.48
N GLN A 73 -18.16 9.08 -15.29
CA GLN A 73 -18.30 8.78 -16.72
C GLN A 73 -18.38 7.28 -17.00
N SER A 74 -17.88 6.45 -16.12
CA SER A 74 -17.98 5.02 -16.35
C SER A 74 -19.36 4.44 -15.96
N ARG A 75 -20.09 5.18 -15.13
CA ARG A 75 -21.40 4.81 -14.57
C ARG A 75 -21.33 3.60 -13.64
N PHE A 76 -20.89 2.47 -14.17
CA PHE A 76 -20.52 1.32 -13.36
C PHE A 76 -19.40 1.74 -12.42
N PRO A 77 -19.36 1.19 -11.19
CA PRO A 77 -18.19 1.46 -10.34
C PRO A 77 -16.93 0.94 -10.97
N PRO A 78 -15.92 1.80 -11.05
CA PRO A 78 -14.71 1.37 -11.72
C PRO A 78 -14.06 0.32 -10.87
N GLY A 79 -13.40 -0.62 -11.50
CA GLY A 79 -12.73 -1.62 -10.72
C GLY A 79 -11.26 -1.36 -10.54
N ALA A 80 -10.56 -2.45 -10.31
CA ALA A 80 -9.12 -2.42 -10.12
C ALA A 80 -8.39 -1.57 -11.17
N LEU A 81 -8.49 -1.93 -12.44
CA LEU A 81 -7.66 -1.28 -13.44
C LEU A 81 -8.06 0.17 -13.64
N GLY A 82 -9.36 0.41 -13.80
CA GLY A 82 -9.83 1.76 -13.94
C GLY A 82 -9.46 2.66 -12.80
N LEU A 83 -9.62 2.19 -11.56
CA LEU A 83 -9.27 3.00 -10.41
C LEU A 83 -7.78 3.20 -10.24
N SER A 84 -6.97 2.26 -10.70
N SER A 84 -6.97 2.27 -10.72
CA SER A 84 -5.53 2.45 -10.68
CA SER A 84 -5.53 2.45 -10.64
C SER A 84 -5.17 3.67 -11.53
C SER A 84 -5.06 3.56 -11.58
N ALA A 85 -5.72 3.72 -12.72
CA ALA A 85 -5.48 4.85 -13.63
C ALA A 85 -6.02 6.16 -13.03
N ILE A 86 -7.24 6.12 -12.49
CA ILE A 86 -7.82 7.28 -11.84
C ILE A 86 -6.93 7.75 -10.69
N SER A 87 -6.37 6.81 -9.93
CA SER A 87 -5.49 7.16 -8.82
C SER A 87 -4.33 8.00 -9.29
N ALA A 88 -3.64 7.57 -10.35
CA ALA A 88 -2.49 8.32 -10.82
C ALA A 88 -2.90 9.72 -11.28
N LEU A 89 -4.04 9.83 -11.94
CA LEU A 89 -4.51 11.14 -12.39
C LEU A 89 -4.89 12.05 -11.21
N ASP A 90 -5.52 11.49 -10.18
CA ASP A 90 -5.74 12.22 -8.93
C ASP A 90 -4.41 12.74 -8.40
N HIS A 91 -3.39 11.88 -8.33
CA HIS A 91 -2.11 12.34 -7.80
C HIS A 91 -1.61 13.54 -8.62
N CYS A 92 -1.69 13.43 -9.94
CA CYS A 92 -1.20 14.50 -10.81
C CYS A 92 -1.90 15.81 -10.51
N LEU A 93 -3.22 15.77 -10.28
CA LEU A 93 -3.99 16.96 -10.00
C LEU A 93 -3.62 17.62 -8.65
N TRP A 94 -3.43 16.82 -7.61
CA TRP A 94 -2.97 17.37 -6.33
C TRP A 94 -1.59 18.02 -6.48
N ASP A 95 -0.69 17.34 -7.19
CA ASP A 95 0.66 17.83 -7.40
C ASP A 95 0.61 19.17 -8.19
N LEU A 96 -0.16 19.21 -9.27
CA LEU A 96 -0.31 20.45 -10.03
C LEU A 96 -0.87 21.57 -9.18
N SER A 97 -1.90 21.27 -8.40
CA SER A 97 -2.56 22.30 -7.62
C SER A 97 -1.62 22.85 -6.55
N ALA A 98 -0.85 21.97 -5.93
CA ALA A 98 0.10 22.38 -4.91
C ALA A 98 1.22 23.20 -5.54
N LYS A 99 1.73 22.76 -6.69
CA LYS A 99 2.77 23.52 -7.37
C LYS A 99 2.24 24.89 -7.79
N ALA A 100 0.99 24.95 -8.24
CA ALA A 100 0.40 26.22 -8.63
C ALA A 100 0.32 27.21 -7.46
N ALA A 101 0.02 26.69 -6.28
CA ALA A 101 -0.08 27.51 -5.08
C ALA A 101 1.25 27.62 -4.33
N ASN A 102 2.29 26.98 -4.87
CA ASN A 102 3.62 26.95 -4.28
C ASN A 102 3.66 26.43 -2.84
N VAL A 103 2.93 25.33 -2.60
CA VAL A 103 2.88 24.70 -1.27
C VAL A 103 3.13 23.20 -1.38
N PRO A 104 3.57 22.56 -0.29
CA PRO A 104 3.56 21.08 -0.24
C PRO A 104 2.10 20.59 -0.35
N VAL A 105 1.89 19.43 -0.93
CA VAL A 105 0.53 18.92 -1.08
C VAL A 105 -0.22 18.89 0.26
N TYR A 106 0.44 18.59 1.38
CA TYR A 106 -0.31 18.49 2.63
C TYR A 106 -1.03 19.80 2.99
N LYS A 107 -0.56 20.93 2.50
CA LYS A 107 -1.24 22.19 2.79
C LYS A 107 -2.58 22.30 2.08
N LEU A 108 -2.83 21.46 1.08
CA LEU A 108 -4.13 21.37 0.42
C LEU A 108 -5.07 20.36 1.05
N LEU A 109 -4.59 19.68 2.11
CA LEU A 109 -5.34 18.60 2.77
C LEU A 109 -5.69 18.93 4.22
N GLY A 110 -5.68 20.21 4.57
CA GLY A 110 -5.93 20.64 5.94
C GLY A 110 -4.67 20.88 6.75
N GLY A 111 -3.51 20.72 6.12
CA GLY A 111 -2.24 20.96 6.77
C GLY A 111 -1.66 19.73 7.43
N ALA A 112 -0.39 19.82 7.78
CA ALA A 112 0.29 18.74 8.51
C ALA A 112 -0.22 18.65 9.93
N VAL A 113 -0.57 17.44 10.35
CA VAL A 113 -0.98 17.17 11.73
C VAL A 113 0.09 16.38 12.51
N ARG A 114 1.22 16.13 11.85
CA ARG A 114 2.38 15.50 12.46
C ARG A 114 3.58 15.99 11.67
N ASP A 115 4.76 15.80 12.24
CA ASP A 115 6.00 16.33 11.66
C ASP A 115 6.78 15.30 10.84
N ARG A 116 6.44 14.04 11.07
CA ARG A 116 7.11 12.93 10.40
C ARG A 116 6.19 11.74 10.35
N VAL A 117 6.50 10.79 9.51
CA VAL A 117 5.60 9.70 9.14
C VAL A 117 6.23 8.36 9.46
N LYS A 118 5.68 7.66 10.43
CA LYS A 118 6.25 6.39 10.85
C LYS A 118 6.10 5.35 9.76
N VAL A 119 7.16 4.57 9.54
CA VAL A 119 7.13 3.49 8.56
C VAL A 119 7.50 2.17 9.20
N TYR A 120 6.99 1.10 8.61
CA TYR A 120 7.49 -0.25 8.88
C TYR A 120 8.10 -0.86 7.64
N ALA A 121 9.05 -1.77 7.85
CA ALA A 121 9.75 -2.37 6.73
C ALA A 121 9.00 -3.58 6.21
N GLY A 122 8.73 -3.58 4.91
CA GLY A 122 8.10 -4.70 4.24
C GLY A 122 9.12 -5.79 4.00
N VAL A 123 9.18 -6.74 4.93
CA VAL A 123 10.10 -7.88 4.79
C VAL A 123 9.43 -9.07 4.08
N TYR A 124 8.23 -9.42 4.56
CA TYR A 124 7.24 -10.23 3.83
C TYR A 124 7.44 -11.75 3.86
N THR A 125 8.59 -12.22 4.31
CA THR A 125 8.88 -13.65 4.32
C THR A 125 8.76 -14.12 5.76
N ALA A 126 9.13 -15.38 6.03
CA ALA A 126 9.07 -15.97 7.36
C ALA A 126 10.40 -16.63 7.70
N PRO A 127 11.48 -15.84 7.76
CA PRO A 127 12.81 -16.41 8.04
C PRO A 127 12.93 -16.90 9.47
N ASP A 128 13.76 -17.91 9.70
CA ASP A 128 14.01 -18.38 11.05
C ASP A 128 14.45 -17.23 11.94
N ALA A 129 14.19 -17.34 13.23
CA ALA A 129 14.35 -16.20 14.12
C ALA A 129 15.74 -15.56 14.10
N PRO A 130 16.83 -16.37 14.07
CA PRO A 130 18.14 -15.71 14.05
C PRO A 130 18.34 -14.87 12.79
N ALA A 131 17.92 -15.39 11.64
CA ALA A 131 18.02 -14.63 10.41
C ALA A 131 17.09 -13.41 10.44
N ALA A 132 15.91 -13.56 11.03
CA ALA A 132 15.00 -12.41 11.16
C ALA A 132 15.66 -11.32 12.02
N ARG A 133 16.23 -11.73 13.15
CA ARG A 133 16.93 -10.82 14.04
C ARG A 133 18.01 -10.05 13.27
N ASP A 134 18.84 -10.76 12.53
CA ASP A 134 19.93 -10.12 11.82
C ASP A 134 19.42 -9.12 10.79
N GLU A 135 18.34 -9.46 10.08
CA GLU A 135 17.79 -8.55 9.08
C GLU A 135 17.13 -7.34 9.74
N PHE A 136 16.35 -7.57 10.79
CA PHE A 136 15.74 -6.47 11.54
C PHE A 136 16.83 -5.52 12.05
N ASP A 137 17.88 -6.09 12.62
CA ASP A 137 18.97 -5.28 13.16
C ASP A 137 19.70 -4.50 12.07
N ARG A 138 19.88 -5.11 10.90
CA ARG A 138 20.47 -4.41 9.78
C ARG A 138 19.62 -3.23 9.35
N LEU A 139 18.32 -3.48 9.18
CA LEU A 139 17.39 -2.43 8.84
C LEU A 139 17.34 -1.32 9.89
N ASN A 140 17.42 -1.69 11.16
CA ASN A 140 17.46 -0.72 12.25
C ASN A 140 18.74 0.11 12.18
N ALA A 141 19.86 -0.54 11.95
CA ALA A 141 21.14 0.17 11.90
C ALA A 141 21.18 1.17 10.76
N GLU A 142 20.65 0.78 9.60
CA GLU A 142 20.70 1.63 8.43
C GLU A 142 19.67 2.77 8.42
N TRP A 143 18.45 2.46 8.83
CA TRP A 143 17.30 3.34 8.58
C TRP A 143 16.51 3.64 9.84
N GLY A 144 16.83 2.96 10.94
CA GLY A 144 16.15 3.20 12.20
C GLY A 144 14.82 2.47 12.35
N PHE A 145 14.52 1.54 11.45
CA PHE A 145 13.28 0.77 11.58
C PHE A 145 13.22 0.08 12.94
N THR A 146 12.05 0.13 13.56
CA THR A 146 11.74 -0.67 14.73
C THR A 146 10.41 -1.42 14.58
N ALA A 147 9.83 -1.34 13.39
CA ALA A 147 8.60 -2.05 13.05
C ALA A 147 8.81 -2.77 11.73
N PHE A 148 8.30 -4.00 11.66
CA PHE A 148 8.57 -4.92 10.55
C PHE A 148 7.34 -5.76 10.29
N LYS A 149 7.15 -6.19 9.04
CA LYS A 149 6.06 -7.09 8.71
C LYS A 149 6.59 -8.35 8.06
N LEU A 150 6.08 -9.47 8.55
CA LEU A 150 6.45 -10.81 8.10
C LEU A 150 5.22 -11.57 7.62
N SER A 151 5.45 -12.71 6.95
CA SER A 151 4.41 -13.71 6.76
C SER A 151 4.36 -14.60 7.98
N PRO A 152 3.17 -15.08 8.39
CA PRO A 152 3.08 -16.00 9.53
C PRO A 152 3.30 -17.45 9.13
N TRP A 153 3.32 -17.71 7.82
CA TRP A 153 3.23 -19.09 7.35
C TRP A 153 4.59 -19.77 7.30
N ARG A 154 4.71 -20.87 8.04
CA ARG A 154 5.99 -21.57 8.13
C ARG A 154 5.98 -22.89 7.36
N VAL A 155 4.82 -23.27 6.82
CA VAL A 155 4.65 -24.47 6.01
C VAL A 155 3.57 -24.19 4.98
N ASP A 156 3.43 -25.08 4.01
CA ASP A 156 2.33 -25.03 3.04
C ASP A 156 1.05 -25.34 3.79
N ILE A 157 0.16 -24.35 3.86
CA ILE A 157 -1.00 -24.48 4.69
C ILE A 157 -1.99 -25.52 4.20
N HIS A 158 -1.85 -25.95 2.94
CA HIS A 158 -2.77 -26.94 2.40
C HIS A 158 -2.20 -28.35 2.40
N ALA A 159 -0.99 -28.52 2.92
CA ALA A 159 -0.33 -29.83 2.88
C ALA A 159 -0.01 -30.39 4.25
N HIS A 160 -0.54 -29.75 5.29
CA HIS A 160 -0.27 -30.16 6.67
C HIS A 160 -1.53 -29.98 7.47
N ARG A 161 -1.66 -30.73 8.55
CA ARG A 161 -2.80 -30.63 9.42
C ARG A 161 -2.91 -29.23 10.01
N TRP A 162 -4.12 -28.68 10.01
CA TRP A 162 -4.33 -27.27 10.37
C TRP A 162 -3.81 -26.93 11.78
N GLY A 163 -4.03 -27.80 12.76
CA GLY A 163 -3.53 -27.52 14.09
C GLY A 163 -2.02 -27.36 14.12
N ASN A 164 -1.33 -28.13 13.28
CA ASN A 164 0.12 -28.04 13.20
C ASN A 164 0.56 -26.79 12.46
N VAL A 165 -0.20 -26.37 11.46
CA VAL A 165 0.09 -25.12 10.77
C VAL A 165 0.02 -23.96 11.75
N VAL A 166 -1.04 -23.91 12.55
CA VAL A 166 -1.22 -22.82 13.50
C VAL A 166 -0.17 -22.88 14.59
N LYS A 167 0.12 -24.08 15.09
CA LYS A 167 1.15 -24.20 16.10
C LYS A 167 2.50 -23.72 15.56
N ALA A 168 2.80 -24.02 14.31
CA ALA A 168 4.06 -23.57 13.74
C ALA A 168 4.13 -22.04 13.74
N SER A 169 3.01 -21.38 13.42
CA SER A 169 2.99 -19.91 13.46
C SER A 169 3.17 -19.36 14.86
N ALA A 170 2.49 -19.95 15.82
CA ALA A 170 2.60 -19.49 17.20
C ALA A 170 4.00 -19.73 17.73
N ASP A 171 4.55 -20.91 17.47
CA ASP A 171 5.91 -21.21 17.91
C ASP A 171 6.92 -20.24 17.27
N TYR A 172 6.68 -19.89 16.01
CA TYR A 172 7.54 -18.96 15.30
C TYR A 172 7.50 -17.58 15.97
N PHE A 173 6.32 -17.09 16.27
CA PHE A 173 6.21 -15.76 16.88
C PHE A 173 6.87 -15.79 18.26
N ARG A 174 6.62 -16.84 19.03
CA ARG A 174 7.29 -17.01 20.33
C ARG A 174 8.82 -16.91 20.16
N SER A 175 9.35 -17.65 19.19
N SER A 175 9.35 -17.60 19.15
CA SER A 175 10.79 -17.64 18.94
CA SER A 175 10.80 -17.64 18.92
C SER A 175 11.25 -16.21 18.65
C SER A 175 11.36 -16.30 18.45
N LEU A 176 10.54 -15.51 17.79
CA LEU A 176 10.92 -14.14 17.46
C LEU A 176 11.00 -13.29 18.74
N ARG A 177 10.00 -13.38 19.61
CA ARG A 177 10.03 -12.63 20.86
C ARG A 177 11.17 -13.03 21.79
N GLU A 178 11.61 -14.28 21.70
CA GLU A 178 12.73 -14.76 22.54
C GLU A 178 14.05 -14.29 21.98
N THR A 179 14.06 -13.83 20.72
CA THR A 179 15.29 -13.62 19.96
C THR A 179 15.60 -12.16 19.62
N VAL A 180 14.59 -11.40 19.22
CA VAL A 180 14.80 -10.04 18.75
C VAL A 180 14.55 -9.01 19.83
N ARG A 181 14.95 -7.78 19.55
CA ARG A 181 14.81 -6.68 20.48
C ARG A 181 13.38 -6.54 21.00
N ASP A 182 13.26 -6.32 22.31
N ASP A 182 13.26 -6.27 22.28
CA ASP A 182 11.95 -6.27 22.98
CA ASP A 182 11.98 -6.28 22.95
C ASP A 182 11.06 -5.16 22.45
C ASP A 182 11.07 -5.14 22.51
N ASP A 183 11.66 -4.07 21.99
CA ASP A 183 10.90 -2.91 21.50
C ASP A 183 10.41 -3.07 20.07
N TYR A 184 10.94 -4.03 19.33
CA TYR A 184 10.54 -4.20 17.94
C TYR A 184 9.06 -4.58 17.82
N GLU A 185 8.40 -3.95 16.87
CA GLU A 185 7.02 -4.25 16.53
C GLU A 185 7.03 -5.17 15.32
N ILE A 186 6.17 -6.19 15.36
CA ILE A 186 6.13 -7.19 14.32
C ILE A 186 4.68 -7.41 13.93
N ALA A 187 4.38 -7.14 12.65
CA ALA A 187 3.07 -7.39 12.08
C ALA A 187 3.15 -8.63 11.23
N PHE A 188 2.01 -9.31 11.05
CA PHE A 188 1.92 -10.49 10.20
C PHE A 188 0.88 -10.28 9.13
N ASP A 189 1.25 -10.54 7.89
CA ASP A 189 0.35 -10.46 6.75
C ASP A 189 0.00 -11.87 6.29
N ALA A 190 -1.25 -12.27 6.52
CA ALA A 190 -1.70 -13.61 6.12
C ALA A 190 -2.14 -13.67 4.67
N HIS A 191 -2.15 -12.53 3.98
CA HIS A 191 -2.25 -12.42 2.52
C HIS A 191 -3.46 -13.11 1.91
N ALA A 192 -4.60 -13.00 2.58
CA ALA A 192 -5.89 -13.44 2.04
C ALA A 192 -5.87 -14.91 1.65
N GLN A 193 -5.16 -15.70 2.44
N GLN A 193 -5.17 -15.74 2.41
CA GLN A 193 -4.93 -17.14 2.22
CA GLN A 193 -5.03 -17.16 2.07
C GLN A 193 -6.03 -18.03 2.77
C GLN A 193 -5.90 -18.11 2.91
N ILE A 194 -6.70 -17.55 3.81
CA ILE A 194 -7.56 -18.38 4.65
C ILE A 194 -8.99 -18.26 4.16
N PHE A 195 -9.67 -19.38 3.99
CA PHE A 195 -11.06 -19.37 3.52
C PHE A 195 -12.07 -19.12 4.63
N GLU A 196 -11.89 -19.79 5.77
CA GLU A 196 -12.93 -19.86 6.80
C GLU A 196 -12.70 -18.82 7.90
N PRO A 197 -13.71 -18.01 8.22
CA PRO A 197 -13.57 -17.12 9.36
C PRO A 197 -13.08 -17.80 10.65
N VAL A 198 -13.58 -18.98 10.98
CA VAL A 198 -13.15 -19.63 12.21
C VAL A 198 -11.64 -19.91 12.19
N ALA A 199 -11.12 -20.34 11.05
CA ALA A 199 -9.68 -20.61 10.93
C ALA A 199 -8.86 -19.34 11.09
N ALA A 200 -9.34 -18.26 10.51
CA ALA A 200 -8.65 -16.98 10.66
C ALA A 200 -8.63 -16.54 12.13
N ARG A 201 -9.72 -16.81 12.84
CA ARG A 201 -9.80 -16.44 14.24
C ARG A 201 -8.83 -17.28 15.06
N GLN A 202 -8.78 -18.58 14.77
CA GLN A 202 -7.85 -19.47 15.49
C GLN A 202 -6.40 -19.01 15.31
N LEU A 203 -6.00 -18.67 14.10
CA LEU A 203 -4.64 -18.20 13.90
C LEU A 203 -4.40 -16.88 14.62
N GLY A 204 -5.30 -15.93 14.51
CA GLY A 204 -5.13 -14.67 15.17
C GLY A 204 -5.00 -14.82 16.66
N ASN A 205 -5.82 -15.68 17.25
CA ASN A 205 -5.75 -15.87 18.68
C ASN A 205 -4.49 -16.62 19.13
N ALA A 206 -3.92 -17.41 18.22
CA ALA A 206 -2.65 -18.07 18.52
C ALA A 206 -1.47 -17.08 18.48
N LEU A 207 -1.55 -16.07 17.62
CA LEU A 207 -0.53 -15.02 17.56
C LEU A 207 -0.69 -14.00 18.67
N ALA A 208 -1.92 -13.80 19.12
CA ALA A 208 -2.25 -12.70 20.01
C ALA A 208 -1.38 -12.54 21.26
N PRO A 209 -1.00 -13.64 21.94
CA PRO A 209 -0.26 -13.46 23.20
C PRO A 209 1.09 -12.80 23.00
N TYR A 210 1.61 -12.78 21.78
CA TYR A 210 2.92 -12.21 21.50
C TYR A 210 2.84 -10.81 20.90
N ASP A 211 1.65 -10.23 20.88
CA ASP A 211 1.46 -8.82 20.52
C ASP A 211 1.81 -8.50 19.09
N PRO A 212 1.06 -9.07 18.13
CA PRO A 212 1.27 -8.63 16.76
C PRO A 212 0.88 -7.16 16.61
N LEU A 213 1.69 -6.37 15.92
CA LEU A 213 1.37 -4.97 15.71
C LEU A 213 0.00 -4.90 15.04
N PHE A 214 -0.18 -5.76 14.05
CA PHE A 214 -1.50 -6.04 13.49
C PHE A 214 -1.42 -7.39 12.78
N TYR A 215 -2.61 -7.97 12.57
CA TYR A 215 -2.83 -9.22 11.87
C TYR A 215 -3.57 -8.82 10.60
N GLU A 216 -2.88 -8.87 9.46
CA GLU A 216 -3.39 -8.30 8.21
C GLU A 216 -4.02 -9.33 7.28
N GLU A 217 -5.20 -8.96 6.82
CA GLU A 217 -5.92 -9.57 5.70
C GLU A 217 -5.90 -11.10 5.69
N PRO A 218 -6.40 -11.75 6.75
CA PRO A 218 -6.41 -13.22 6.69
C PRO A 218 -7.38 -13.82 5.68
N LEU A 219 -8.55 -13.23 5.52
CA LEU A 219 -9.61 -13.78 4.67
C LEU A 219 -9.64 -13.09 3.32
N ARG A 220 -10.48 -13.62 2.44
CA ARG A 220 -10.74 -13.01 1.14
C ARG A 220 -11.63 -11.78 1.29
N PRO A 221 -11.64 -10.88 0.28
CA PRO A 221 -12.28 -9.58 0.45
C PRO A 221 -13.77 -9.49 0.08
N GLU A 222 -14.27 -10.43 -0.73
CA GLU A 222 -15.57 -10.24 -1.39
C GLU A 222 -16.76 -10.18 -0.44
N ASN A 223 -16.71 -11.01 0.60
CA ASN A 223 -17.75 -11.01 1.62
C ASN A 223 -17.25 -10.14 2.76
N ILE A 224 -17.84 -8.96 2.89
CA ILE A 224 -17.39 -8.01 3.90
C ILE A 224 -17.97 -8.36 5.27
N ASP A 225 -19.21 -8.85 5.31
CA ASP A 225 -19.89 -9.13 6.55
C ASP A 225 -19.16 -10.17 7.39
N MET A 226 -18.52 -11.14 6.75
CA MET A 226 -17.86 -12.20 7.49
C MET A 226 -16.69 -11.67 8.32
N TRP A 227 -16.15 -10.51 7.95
CA TRP A 227 -15.09 -9.87 8.72
C TRP A 227 -15.58 -9.47 10.11
N GLY A 228 -16.83 -9.05 10.21
CA GLY A 228 -17.43 -8.76 11.51
C GLY A 228 -17.52 -10.04 12.35
N ASP A 229 -17.84 -11.17 11.71
CA ASP A 229 -17.91 -12.44 12.43
C ASP A 229 -16.53 -12.86 12.91
N LEU A 230 -15.54 -12.76 12.03
CA LEU A 230 -14.16 -13.06 12.40
C LEU A 230 -13.75 -12.29 13.65
N LYS A 231 -14.01 -10.99 13.66
CA LYS A 231 -13.45 -10.14 14.70
C LYS A 231 -14.11 -10.34 16.05
N GLN A 232 -15.31 -10.91 16.07
CA GLN A 232 -15.99 -11.24 17.33
C GLN A 232 -15.24 -12.37 18.00
N GLY A 233 -14.64 -12.11 19.17
CA GLY A 233 -13.85 -13.12 19.86
C GLY A 233 -12.40 -13.16 19.43
N LEU A 234 -11.96 -12.18 18.64
CA LEU A 234 -10.57 -12.10 18.24
C LEU A 234 -9.81 -11.21 19.22
N ASN A 235 -8.66 -11.69 19.69
CA ASN A 235 -7.93 -11.05 20.78
C ASN A 235 -6.78 -10.16 20.35
N CYS A 236 -6.48 -10.14 19.05
CA CYS A 236 -5.45 -9.27 18.51
C CYS A 236 -6.03 -8.21 17.58
N VAL A 237 -5.23 -7.21 17.27
CA VAL A 237 -5.59 -6.16 16.35
C VAL A 237 -5.71 -6.74 14.94
N LEU A 238 -6.87 -6.52 14.32
CA LEU A 238 -7.18 -7.00 12.97
C LEU A 238 -7.11 -5.85 11.98
N ALA A 239 -6.34 -6.03 10.91
CA ALA A 239 -6.20 -5.03 9.85
C ALA A 239 -6.65 -5.61 8.54
N THR A 240 -7.41 -4.85 7.76
CA THR A 240 -7.73 -5.27 6.41
C THR A 240 -8.11 -4.03 5.59
N GLY A 241 -8.43 -4.27 4.33
CA GLY A 241 -8.91 -3.18 3.48
C GLY A 241 -8.10 -2.94 2.23
N GLU A 242 -6.92 -3.53 2.11
CA GLU A 242 -6.08 -3.27 0.96
C GLU A 242 -6.79 -3.61 -0.35
N SER A 243 -7.69 -4.60 -0.30
CA SER A 243 -8.39 -5.07 -1.48
C SER A 243 -9.76 -4.44 -1.67
N LEU A 244 -10.09 -3.41 -0.88
CA LEU A 244 -11.33 -2.65 -1.01
C LEU A 244 -11.08 -1.35 -1.74
N TYR A 245 -12.09 -0.86 -2.47
CA TYR A 245 -11.88 0.17 -3.47
C TYR A 245 -12.47 1.53 -3.20
N ASN A 246 -13.50 1.62 -2.38
CA ASN A 246 -14.21 2.90 -2.29
C ASN A 246 -14.83 3.12 -0.93
N ARG A 247 -15.30 4.35 -0.73
CA ARG A 247 -15.88 4.79 0.52
C ARG A 247 -16.95 3.84 1.02
N ASN A 248 -17.73 3.25 0.11
CA ASN A 248 -18.84 2.42 0.54
C ASN A 248 -18.45 1.00 0.95
N GLU A 249 -17.44 0.42 0.32
CA GLU A 249 -16.91 -0.85 0.78
C GLU A 249 -16.31 -0.70 2.18
N PHE A 250 -15.57 0.39 2.38
CA PHE A 250 -15.04 0.66 3.71
C PHE A 250 -16.14 0.98 4.72
N LEU A 251 -17.18 1.70 4.31
CA LEU A 251 -18.28 1.94 5.23
C LEU A 251 -18.87 0.63 5.70
N ARG A 252 -19.10 -0.30 4.79
CA ARG A 252 -19.68 -1.58 5.22
C ARG A 252 -18.76 -2.32 6.20
N LEU A 253 -17.47 -2.32 5.92
CA LEU A 253 -16.50 -2.97 6.77
C LEU A 253 -16.56 -2.38 8.19
N LEU A 254 -16.63 -1.05 8.26
CA LEU A 254 -16.68 -0.38 9.54
C LEU A 254 -18.00 -0.66 10.27
N GLN A 255 -19.10 -0.66 9.54
CA GLN A 255 -20.41 -0.90 10.14
C GLN A 255 -20.52 -2.26 10.81
N VAL A 256 -19.89 -3.27 10.21
CA VAL A 256 -19.93 -4.61 10.78
C VAL A 256 -18.82 -4.86 11.80
N LYS A 257 -18.03 -3.82 12.09
CA LYS A 257 -16.91 -3.95 13.02
C LYS A 257 -15.96 -5.05 12.53
N GLY A 258 -15.58 -4.94 11.27
CA GLY A 258 -14.77 -5.96 10.62
C GLY A 258 -13.28 -5.70 10.60
N ALA A 259 -12.85 -4.61 11.24
CA ALA A 259 -11.42 -4.28 11.33
C ALA A 259 -11.18 -3.31 12.47
N ASP A 260 -10.01 -3.41 13.08
CA ASP A 260 -9.54 -2.41 14.04
C ASP A 260 -8.70 -1.34 13.40
N LEU A 261 -8.13 -1.65 12.23
CA LEU A 261 -7.20 -0.80 11.49
C LEU A 261 -7.49 -1.06 10.02
N ILE A 262 -7.60 -0.02 9.19
CA ILE A 262 -7.83 -0.24 7.76
C ILE A 262 -6.60 0.14 6.94
N GLN A 263 -6.46 -0.53 5.80
CA GLN A 263 -5.25 -0.46 4.98
C GLN A 263 -5.56 -0.19 3.52
N PRO A 264 -6.32 0.88 3.23
CA PRO A 264 -6.49 1.27 1.82
C PRO A 264 -5.16 1.61 1.17
N ASP A 265 -5.12 1.49 -0.16
CA ASP A 265 -3.93 1.84 -0.94
C ASP A 265 -4.26 3.02 -1.84
N ILE A 266 -3.45 4.06 -1.71
CA ILE A 266 -3.67 5.33 -2.38
C ILE A 266 -3.50 5.25 -3.89
N CYS A 267 -2.92 4.13 -4.37
CA CYS A 267 -2.81 3.86 -5.81
C CYS A 267 -3.92 2.94 -6.33
N VAL A 268 -4.79 2.49 -5.44
CA VAL A 268 -5.85 1.53 -5.73
C VAL A 268 -7.25 2.15 -5.62
N VAL A 269 -7.47 3.00 -4.63
CA VAL A 269 -8.82 3.48 -4.30
C VAL A 269 -9.26 4.69 -5.10
N GLY A 270 -8.38 5.24 -5.93
CA GLY A 270 -8.69 6.48 -6.64
C GLY A 270 -7.95 7.69 -6.09
N GLY A 271 -6.84 7.47 -5.43
CA GLY A 271 -6.01 8.56 -4.97
C GLY A 271 -6.48 9.23 -3.70
N ILE A 272 -5.95 10.41 -3.46
CA ILE A 272 -6.23 11.14 -2.23
C ILE A 272 -7.71 11.48 -2.10
N SER A 273 -8.34 11.79 -3.22
N SER A 273 -8.35 11.83 -3.20
CA SER A 273 -9.76 12.15 -3.24
CA SER A 273 -9.76 12.17 -3.18
C SER A 273 -10.60 11.11 -2.51
C SER A 273 -10.58 11.11 -2.47
N GLU A 274 -10.33 9.85 -2.77
CA GLU A 274 -11.06 8.76 -2.15
C GLU A 274 -10.45 8.35 -0.81
N MET A 275 -9.11 8.35 -0.73
CA MET A 275 -8.42 7.98 0.49
C MET A 275 -8.87 8.84 1.67
N ARG A 276 -9.04 10.14 1.44
CA ARG A 276 -9.45 11.05 2.50
C ARG A 276 -10.88 10.72 2.97
N ARG A 277 -11.76 10.38 2.04
CA ARG A 277 -13.13 10.04 2.42
C ARG A 277 -13.13 8.78 3.28
N ILE A 278 -12.37 7.78 2.84
CA ILE A 278 -12.23 6.53 3.56
C ILE A 278 -11.69 6.76 4.97
N ALA A 279 -10.63 7.54 5.09
CA ALA A 279 -10.03 7.79 6.39
C ALA A 279 -10.97 8.53 7.32
N THR A 280 -11.77 9.45 6.77
CA THR A 280 -12.75 10.21 7.55
C THR A 280 -13.82 9.28 8.11
N LEU A 281 -14.28 8.34 7.30
CA LEU A 281 -15.25 7.36 7.78
C LEU A 281 -14.62 6.55 8.93
N ALA A 282 -13.41 6.05 8.71
CA ALA A 282 -12.75 5.25 9.73
C ALA A 282 -12.59 6.05 11.02
N GLU A 283 -12.23 7.32 10.90
CA GLU A 283 -12.01 8.16 12.07
C GLU A 283 -13.25 8.23 12.97
N ALA A 284 -14.41 8.41 12.34
CA ALA A 284 -15.66 8.53 13.10
C ALA A 284 -16.01 7.21 13.80
N TYR A 285 -15.56 6.09 13.22
CA TYR A 285 -15.72 4.76 13.82
C TYR A 285 -14.58 4.37 14.75
N PHE A 286 -13.64 5.30 15.02
CA PHE A 286 -12.51 5.05 15.92
C PHE A 286 -11.64 3.90 15.43
N VAL A 287 -11.36 3.94 14.13
CA VAL A 287 -10.50 3.00 13.44
C VAL A 287 -9.37 3.77 12.78
N GLY A 288 -8.14 3.30 12.99
CA GLY A 288 -6.97 3.94 12.41
C GLY A 288 -6.69 3.49 10.98
N VAL A 289 -5.71 4.16 10.37
CA VAL A 289 -5.34 3.90 8.98
C VAL A 289 -3.85 3.59 8.90
N ALA A 290 -3.53 2.45 8.30
CA ALA A 290 -2.17 2.03 8.00
C ALA A 290 -2.15 1.73 6.51
N PRO A 291 -1.84 2.73 5.69
CA PRO A 291 -1.95 2.54 4.24
C PRO A 291 -1.13 1.36 3.72
N HIS A 292 -1.75 0.63 2.80
CA HIS A 292 -1.07 -0.41 2.04
C HIS A 292 -0.18 0.25 1.00
N ASN A 293 1.07 -0.15 0.95
CA ASN A 293 2.03 0.48 0.03
C ASN A 293 3.25 -0.37 -0.30
N PRO A 294 3.05 -1.43 -1.09
CA PRO A 294 4.19 -2.15 -1.68
C PRO A 294 4.64 -1.51 -3.00
N MET A 295 4.16 -0.30 -3.30
CA MET A 295 4.48 0.37 -4.56
C MET A 295 5.78 1.18 -4.42
N GLY A 296 6.05 2.05 -5.37
CA GLY A 296 7.37 2.64 -5.52
C GLY A 296 7.52 3.99 -4.88
N PRO A 297 8.61 4.71 -5.23
CA PRO A 297 8.91 5.93 -4.48
C PRO A 297 7.99 7.11 -4.75
N LEU A 298 7.34 7.16 -5.90
CA LEU A 298 6.37 8.22 -6.11
C LEU A 298 5.12 7.95 -5.29
N ALA A 299 4.61 6.73 -5.35
CA ALA A 299 3.50 6.31 -4.47
C ALA A 299 3.85 6.60 -3.01
N THR A 300 5.09 6.35 -2.61
CA THR A 300 5.48 6.62 -1.23
C THR A 300 5.36 8.12 -0.92
N ALA A 301 5.81 8.98 -1.83
CA ALA A 301 5.68 10.41 -1.63
C ALA A 301 4.23 10.87 -1.50
N VAL A 302 3.34 10.29 -2.31
CA VAL A 302 1.92 10.60 -2.24
C VAL A 302 1.43 10.20 -0.83
N ASN A 303 1.79 9.00 -0.40
CA ASN A 303 1.45 8.54 0.94
C ASN A 303 1.99 9.46 2.04
N VAL A 304 3.19 10.01 1.87
CA VAL A 304 3.75 10.89 2.89
C VAL A 304 2.83 12.09 3.14
N HIS A 305 2.32 12.68 2.07
CA HIS A 305 1.45 13.83 2.21
C HIS A 305 0.08 13.49 2.79
N PHE A 306 -0.53 12.43 2.29
CA PHE A 306 -1.78 11.98 2.87
C PHE A 306 -1.60 11.67 4.36
N SER A 307 -0.55 10.93 4.69
CA SER A 307 -0.33 10.47 6.06
C SER A 307 -0.04 11.67 6.97
N ALA A 308 0.68 12.66 6.46
CA ALA A 308 1.02 13.82 7.27
C ALA A 308 -0.20 14.64 7.65
N ALA A 309 -1.25 14.56 6.83
CA ALA A 309 -2.44 15.39 7.01
C ALA A 309 -3.60 14.68 7.73
N THR A 310 -3.46 13.38 8.04
CA THR A 310 -4.59 12.55 8.45
C THR A 310 -4.44 12.18 9.93
N GLN A 311 -5.36 12.64 10.77
CA GLN A 311 -5.20 12.46 12.22
C GLN A 311 -5.09 10.99 12.61
N ASN A 312 -5.94 10.16 12.02
CA ASN A 312 -6.00 8.74 12.38
C ASN A 312 -5.04 7.84 11.61
N PHE A 313 -4.10 8.43 10.87
CA PHE A 313 -2.98 7.69 10.33
C PHE A 313 -2.10 7.18 11.45
N ARG A 314 -1.61 5.94 11.32
CA ARG A 314 -0.74 5.34 12.33
C ARG A 314 0.65 4.98 11.81
N ILE A 315 0.71 4.23 10.73
CA ILE A 315 2.01 3.74 10.24
C ILE A 315 1.89 3.43 8.75
N LEU A 316 3.00 3.57 8.03
CA LEU A 316 3.01 3.41 6.58
C LEU A 316 3.93 2.26 6.15
N GLU A 317 3.41 1.36 5.32
CA GLU A 317 4.21 0.31 4.69
C GLU A 317 5.28 0.94 3.81
N TYR A 318 6.49 0.40 3.87
CA TYR A 318 7.62 0.97 3.13
C TYR A 318 8.58 -0.08 2.58
N ARG A 319 8.87 0.06 1.29
CA ARG A 319 9.92 -0.71 0.60
C ARG A 319 11.02 0.25 0.16
N LEU A 320 12.28 -0.13 0.37
CA LEU A 320 13.40 0.70 -0.01
C LEU A 320 13.56 0.76 -1.52
N PRO A 321 13.85 1.95 -2.06
CA PRO A 321 14.07 2.04 -3.51
C PRO A 321 15.19 1.13 -4.02
N LYS A 322 16.27 1.01 -3.25
CA LYS A 322 17.32 0.05 -3.58
C LYS A 322 17.23 -1.02 -2.53
N GLY A 323 16.86 -2.22 -2.94
CA GLY A 323 16.66 -3.29 -1.98
C GLY A 323 15.95 -4.49 -2.56
N GLN A 324 15.24 -5.17 -1.67
CA GLN A 324 14.62 -6.45 -1.94
C GLN A 324 13.59 -6.37 -3.07
N ALA A 325 13.67 -7.30 -4.02
CA ALA A 325 12.67 -7.40 -5.08
C ALA A 325 11.41 -8.10 -4.56
N TYR A 326 10.45 -8.33 -5.45
CA TYR A 326 9.17 -8.90 -5.04
C TYR A 326 9.24 -10.23 -4.32
N VAL A 327 8.53 -10.34 -3.21
CA VAL A 327 8.37 -11.61 -2.54
C VAL A 327 7.18 -11.59 -1.59
N TYR A 328 6.50 -12.73 -1.47
CA TYR A 328 5.65 -12.99 -0.32
C TYR A 328 5.93 -14.39 0.18
N GLY A 329 6.28 -14.48 1.47
CA GLY A 329 6.38 -15.76 2.13
C GLY A 329 7.70 -16.49 1.91
N GLY A 330 7.88 -17.60 2.63
CA GLY A 330 9.06 -18.42 2.44
C GLY A 330 10.04 -18.32 3.59
N LYS A 331 10.93 -19.30 3.66
CA LYS A 331 11.80 -19.47 4.82
C LYS A 331 13.08 -18.63 4.77
N ASP A 332 13.22 -17.81 3.74
CA ASP A 332 14.46 -17.07 3.57
C ASP A 332 14.20 -15.58 3.60
N ILE A 333 15.26 -14.83 3.87
CA ILE A 333 15.29 -13.43 3.48
C ILE A 333 15.51 -13.43 1.97
N GLU A 334 14.66 -12.72 1.25
CA GLU A 334 14.70 -12.72 -0.22
C GLU A 334 16.08 -12.30 -0.75
N LYS A 335 16.63 -13.13 -1.63
CA LYS A 335 17.96 -12.87 -2.18
C LYS A 335 17.95 -11.83 -3.32
N ARG A 336 16.90 -11.86 -4.15
CA ARG A 336 16.82 -10.97 -5.30
C ARG A 336 16.72 -9.50 -4.88
N GLN A 337 17.58 -8.67 -5.44
CA GLN A 337 17.58 -7.24 -5.16
C GLN A 337 17.27 -6.48 -6.44
N GLY A 338 16.93 -5.20 -6.31
CA GLY A 338 16.75 -4.34 -7.46
C GLY A 338 16.93 -2.90 -7.06
N GLU A 339 16.88 -2.01 -8.05
CA GLU A 339 17.04 -0.60 -7.80
C GLU A 339 16.00 0.16 -8.61
N THR A 340 15.19 0.95 -7.92
CA THR A 340 14.14 1.71 -8.55
C THR A 340 14.62 3.14 -8.64
N ARG A 341 14.64 3.68 -9.86
CA ARG A 341 15.35 4.92 -10.13
C ARG A 341 14.51 6.06 -10.69
N TYR A 342 13.20 5.85 -10.84
CA TYR A 342 12.42 6.88 -11.52
C TYR A 342 12.15 8.14 -10.68
N VAL A 343 12.41 8.07 -9.37
CA VAL A 343 12.46 9.26 -8.52
C VAL A 343 13.92 9.56 -8.19
N VAL A 344 14.34 10.79 -8.46
CA VAL A 344 15.71 11.21 -8.22
C VAL A 344 16.10 11.11 -6.75
N ASP A 345 15.21 11.57 -5.88
CA ASP A 345 15.52 11.83 -4.47
C ASP A 345 14.40 11.28 -3.57
N PRO A 346 14.26 9.95 -3.53
CA PRO A 346 13.15 9.37 -2.77
C PRO A 346 13.23 9.65 -1.27
N TYR A 347 12.07 9.64 -0.62
CA TYR A 347 12.02 9.69 0.83
C TYR A 347 12.66 8.44 1.42
N LEU A 348 13.67 8.65 2.27
CA LEU A 348 14.34 7.58 2.99
C LEU A 348 14.08 7.72 4.48
N PRO A 349 14.01 6.60 5.21
CA PRO A 349 13.71 6.73 6.63
C PRO A 349 14.90 7.19 7.47
N LYS A 350 14.59 7.91 8.53
CA LYS A 350 15.55 8.34 9.53
C LYS A 350 14.90 8.00 10.85
N ASP A 351 15.54 7.17 11.68
CA ASP A 351 14.95 6.72 12.94
C ASP A 351 13.60 6.06 12.74
N GLY A 352 13.39 5.46 11.57
CA GLY A 352 12.14 4.77 11.29
C GLY A 352 10.96 5.64 10.92
N TYR A 353 11.24 6.88 10.50
CA TYR A 353 10.22 7.82 10.03
C TYR A 353 10.66 8.46 8.72
N LEU A 354 9.68 8.82 7.90
CA LEU A 354 9.94 9.67 6.75
C LEU A 354 9.72 11.12 7.20
N GLU A 355 10.64 11.99 6.80
CA GLU A 355 10.58 13.38 7.21
C GLU A 355 10.01 14.25 6.11
N LEU A 356 9.21 15.23 6.52
CA LEU A 356 8.59 16.12 5.57
C LEU A 356 9.64 17.03 4.93
N ARG A 357 9.29 17.58 3.77
CA ARG A 357 10.12 18.52 3.03
C ARG A 357 9.33 19.82 2.86
N PRO A 358 9.22 20.58 3.94
CA PRO A 358 8.30 21.74 3.96
C PRO A 358 8.66 22.86 2.99
N ASP A 359 9.89 22.92 2.52
CA ASP A 359 10.31 24.01 1.66
C ASP A 359 10.14 23.67 0.19
N ARG A 360 9.56 22.51 -0.10
CA ARG A 360 9.41 22.06 -1.48
C ARG A 360 7.94 21.88 -1.82
N PRO A 361 7.50 22.46 -2.93
CA PRO A 361 6.09 22.35 -3.30
C PRO A 361 5.77 21.01 -3.91
N GLY A 362 4.49 20.69 -3.96
CA GLY A 362 4.10 19.41 -4.54
C GLY A 362 4.50 18.25 -3.66
N TRP A 363 4.83 17.10 -4.25
CA TRP A 363 5.21 15.92 -3.48
C TRP A 363 6.55 16.08 -2.77
N GLY A 364 7.36 17.01 -3.27
CA GLY A 364 8.71 17.19 -2.75
C GLY A 364 9.74 16.20 -3.27
N VAL A 365 9.51 15.64 -4.45
CA VAL A 365 10.51 14.81 -5.13
C VAL A 365 10.63 15.24 -6.58
N GLU A 366 11.80 15.00 -7.14
CA GLU A 366 12.03 15.18 -8.57
C GLU A 366 11.99 13.85 -9.30
N MET A 367 11.49 13.85 -10.52
CA MET A 367 11.40 12.66 -11.34
C MET A 367 12.59 12.56 -12.26
N ASP A 368 13.00 11.32 -12.55
CA ASP A 368 14.10 11.05 -13.47
C ASP A 368 13.54 10.44 -14.76
N GLU A 369 13.27 11.31 -15.74
CA GLU A 369 12.62 10.86 -16.96
C GLU A 369 13.54 10.00 -17.80
N LYS A 370 14.84 10.26 -17.74
CA LYS A 370 15.78 9.40 -18.47
C LYS A 370 15.76 7.96 -17.92
N ALA A 371 15.76 7.81 -16.59
CA ALA A 371 15.66 6.49 -15.99
C ALA A 371 14.38 5.77 -16.40
N MET A 372 13.28 6.50 -16.54
CA MET A 372 12.03 5.86 -16.94
C MET A 372 12.10 5.39 -18.37
N GLU A 373 12.79 6.16 -19.20
CA GLU A 373 12.93 5.80 -20.59
C GLU A 373 13.85 4.60 -20.74
N GLU A 374 14.86 4.47 -19.87
CA GLU A 374 15.84 3.38 -19.94
C GLU A 374 15.28 2.03 -19.49
N GLU A 375 14.36 2.05 -18.53
CA GLU A 375 13.84 0.81 -17.97
C GLU A 375 12.34 0.68 -18.27
N GLY A 376 11.99 -0.26 -19.13
CA GLY A 376 10.62 -0.40 -19.58
C GLY A 376 9.84 -1.49 -18.87
N TYR A 377 8.73 -1.84 -19.46
CA TYR A 377 7.84 -2.87 -18.96
C TYR A 377 8.56 -4.17 -18.68
N ILE A 378 8.11 -4.87 -17.66
CA ILE A 378 8.50 -6.25 -17.39
C ILE A 378 7.24 -7.01 -17.00
N HIS A 379 7.09 -8.23 -17.48
CA HIS A 379 5.94 -9.07 -17.15
C HIS A 379 6.03 -9.55 -15.71
N TRP A 380 4.92 -9.44 -14.99
CA TRP A 380 4.83 -9.95 -13.64
C TRP A 380 3.45 -10.55 -13.41
N GLN A 381 3.41 -11.67 -12.73
CA GLN A 381 2.12 -12.29 -12.36
C GLN A 381 2.27 -13.00 -11.05
N ARG A 382 1.14 -13.20 -10.39
CA ARG A 382 1.09 -13.91 -9.12
C ARG A 382 1.02 -15.43 -9.35
N ARG A 383 1.59 -16.16 -8.40
CA ARG A 383 1.38 -17.59 -8.34
C ARG A 383 0.16 -17.88 -7.46
N VAL A 384 -0.77 -18.64 -8.00
CA VAL A 384 -1.90 -19.10 -7.21
C VAL A 384 -1.57 -20.50 -6.72
N PRO A 385 -1.47 -20.65 -5.40
CA PRO A 385 -1.08 -21.97 -4.92
C PRO A 385 -2.17 -23.01 -5.10
N LYS A 386 -1.74 -24.25 -5.12
CA LYS A 386 -2.63 -25.38 -5.28
C LYS A 386 -2.63 -26.22 -4.04
N ARG A 387 -3.72 -26.95 -3.86
CA ARG A 387 -3.85 -27.94 -2.81
C ARG A 387 -3.35 -29.27 -3.36
N PRO A 388 -3.11 -30.24 -2.46
CA PRO A 388 -2.61 -31.54 -2.94
C PRO A 388 -3.59 -32.28 -3.87
N ASP A 389 -4.89 -31.95 -3.82
CA ASP A 389 -5.85 -32.58 -4.72
C ASP A 389 -5.90 -31.96 -6.13
N GLY A 390 -5.06 -30.96 -6.39
CA GLY A 390 -4.99 -30.31 -7.68
C GLY A 390 -5.84 -29.06 -7.85
N SER A 391 -6.63 -28.71 -6.83
CA SER A 391 -7.45 -27.51 -6.90
C SER A 391 -6.59 -26.27 -6.65
N TYR A 392 -7.04 -25.14 -7.18
CA TYR A 392 -6.43 -23.85 -6.86
C TYR A 392 -7.02 -23.25 -5.61
N ALA A 393 -6.15 -22.67 -4.79
CA ALA A 393 -6.57 -21.96 -3.59
C ALA A 393 -6.49 -20.46 -3.83
N PHE A 394 -5.78 -19.71 -2.98
CA PHE A 394 -5.84 -18.26 -3.00
C PHE A 394 -4.45 -17.63 -2.99
N ALA A 395 -4.25 -16.64 -3.85
CA ALA A 395 -2.97 -15.95 -3.90
C ALA A 395 -2.77 -15.18 -2.60
#